data_3UIJ
#
_entry.id   3UIJ
#
_cell.length_a   114.358
_cell.length_b   70.965
_cell.length_c   82.348
_cell.angle_alpha   90.00
_cell.angle_beta   129.16
_cell.angle_gamma   90.00
#
_symmetry.space_group_name_H-M   'C 1 2 1'
#
loop_
_entity.id
_entity.type
_entity.pdbx_description
1 polymer 'Baculoviral IAP repeat-containing protein 5'
2 polymer 'Diablo homolog, mitochondrial'
3 non-polymer 'ZINC ION'
4 water water
#
loop_
_entity_poly.entity_id
_entity_poly.type
_entity_poly.pdbx_seq_one_letter_code
_entity_poly.pdbx_strand_id
1 'polypeptide(L)'
;GMGAPTLPPAWQPFLKDHRISTFKNWPFLEGCACTPERMAEAGFIHCPTENEPDLAQCFFCFYELEGWEPDDDPIEEHKK
WSSGCAFLSVKKQFEELTLGEFLKLDRERAKNKIAKETNNKKKEFEETAKKVRRAIEQLAAMD
;
A,B
2 'polypeptide(L)' AVPIAQKSEPHSLSS P,Q
#
loop_
_chem_comp.id
_chem_comp.type
_chem_comp.name
_chem_comp.formula
ZN non-polymer 'ZINC ION' 'Zn 2'
#
# COMPACT_ATOMS: atom_id res chain seq x y z
N THR A 6 -4.26 2.23 5.98
CA THR A 6 -4.96 1.36 5.04
C THR A 6 -4.06 0.92 3.88
N LEU A 7 -4.69 0.53 2.78
CA LEU A 7 -3.96 0.14 1.57
C LEU A 7 -4.37 1.01 0.40
N PRO A 8 -3.38 1.56 -0.30
CA PRO A 8 -3.66 2.48 -1.40
C PRO A 8 -4.47 1.79 -2.48
N PRO A 9 -5.29 2.57 -3.21
CA PRO A 9 -6.21 2.09 -4.23
C PRO A 9 -5.61 1.07 -5.20
N ALA A 10 -4.44 1.38 -5.75
CA ALA A 10 -3.84 0.52 -6.77
C ALA A 10 -3.70 -0.93 -6.32
N TRP A 11 -3.78 -1.15 -5.01
CA TRP A 11 -3.58 -2.48 -4.45
C TRP A 11 -4.87 -3.09 -3.85
N GLN A 12 -5.95 -2.31 -3.85
CA GLN A 12 -7.24 -2.78 -3.35
C GLN A 12 -7.80 -4.05 -4.02
N PRO A 13 -7.56 -4.22 -5.33
CA PRO A 13 -8.04 -5.42 -6.03
C PRO A 13 -7.51 -6.73 -5.43
N PHE A 14 -6.45 -6.66 -4.65
CA PHE A 14 -5.92 -7.86 -3.99
C PHE A 14 -6.86 -8.28 -2.86
N LEU A 15 -7.71 -7.34 -2.46
CA LEU A 15 -8.66 -7.56 -1.37
C LEU A 15 -9.97 -8.14 -1.89
N LYS A 16 -10.30 -9.34 -1.42
CA LYS A 16 -11.51 -10.03 -1.88
C LYS A 16 -12.76 -9.16 -1.75
N ASP A 17 -12.97 -8.61 -0.57
CA ASP A 17 -14.15 -7.77 -0.32
C ASP A 17 -14.25 -6.64 -1.34
N HIS A 18 -13.11 -6.09 -1.76
CA HIS A 18 -13.12 -5.05 -2.78
C HIS A 18 -13.60 -5.57 -4.11
N ARG A 19 -13.11 -6.76 -4.49
CA ARG A 19 -13.52 -7.37 -5.74
C ARG A 19 -15.02 -7.61 -5.75
N ILE A 20 -15.52 -8.22 -4.67
CA ILE A 20 -16.95 -8.40 -4.50
C ILE A 20 -17.70 -7.10 -4.76
N SER A 21 -17.26 -6.02 -4.12
CA SER A 21 -17.86 -4.69 -4.28
C SER A 21 -18.03 -4.26 -5.74
N THR A 22 -17.20 -4.79 -6.64
CA THR A 22 -17.22 -4.32 -8.01
C THR A 22 -18.46 -4.84 -8.74
N PHE A 23 -19.01 -5.95 -8.24
CA PHE A 23 -20.20 -6.53 -8.83
C PHE A 23 -21.45 -5.78 -8.41
N LYS A 24 -21.83 -4.80 -9.23
CA LYS A 24 -23.04 -4.02 -9.00
C LYS A 24 -23.99 -4.38 -10.13
N ASN A 25 -25.19 -4.83 -9.77
CA ASN A 25 -26.13 -5.31 -10.77
C ASN A 25 -25.62 -6.58 -11.46
N TRP A 26 -24.91 -7.40 -10.71
CA TRP A 26 -24.56 -8.75 -11.16
C TRP A 26 -25.83 -9.57 -11.12
N PRO A 27 -26.17 -10.22 -12.23
CA PRO A 27 -27.43 -10.97 -12.29
C PRO A 27 -27.36 -12.28 -11.51
N PHE A 28 -26.20 -12.92 -11.46
CA PHE A 28 -26.11 -14.26 -10.88
C PHE A 28 -25.88 -14.24 -9.38
N LEU A 29 -26.99 -14.39 -8.65
CA LEU A 29 -27.00 -14.24 -7.21
C LEU A 29 -27.27 -15.56 -6.49
N GLU A 30 -28.06 -15.50 -5.42
CA GLU A 30 -28.34 -16.65 -4.59
C GLU A 30 -28.82 -17.85 -5.42
N GLY A 31 -28.20 -19.00 -5.19
CA GLY A 31 -28.56 -20.22 -5.89
C GLY A 31 -27.60 -20.51 -7.04
N CYS A 32 -26.87 -19.48 -7.46
CA CYS A 32 -25.96 -19.60 -8.58
C CYS A 32 -24.58 -20.03 -8.15
N ALA A 33 -23.84 -20.66 -9.06
CA ALA A 33 -22.48 -21.08 -8.80
C ALA A 33 -21.50 -19.95 -9.04
N CYS A 34 -21.90 -18.97 -9.85
CA CYS A 34 -21.03 -17.82 -10.13
C CYS A 34 -21.50 -16.54 -9.42
N THR A 35 -21.66 -16.61 -8.11
CA THR A 35 -22.01 -15.45 -7.31
C THR A 35 -20.86 -14.45 -7.23
N PRO A 36 -21.15 -13.18 -6.91
CA PRO A 36 -20.10 -12.16 -6.80
C PRO A 36 -19.00 -12.64 -5.85
N GLU A 37 -19.40 -13.31 -4.77
CA GLU A 37 -18.47 -13.90 -3.83
C GLU A 37 -17.57 -14.95 -4.49
N ARG A 38 -18.16 -15.83 -5.30
CA ARG A 38 -17.40 -16.90 -5.95
C ARG A 38 -16.56 -16.37 -7.11
N MET A 39 -17.09 -15.34 -7.77
CA MET A 39 -16.35 -14.65 -8.83
C MET A 39 -15.10 -14.01 -8.23
N ALA A 40 -15.28 -13.30 -7.13
CA ALA A 40 -14.18 -12.63 -6.45
C ALA A 40 -13.15 -13.63 -5.96
N GLU A 41 -13.62 -14.73 -5.37
CA GLU A 41 -12.73 -15.78 -4.91
C GLU A 41 -11.88 -16.28 -6.08
N ALA A 42 -12.37 -16.09 -7.30
CA ALA A 42 -11.66 -16.51 -8.50
C ALA A 42 -10.75 -15.41 -9.04
N GLY A 43 -10.89 -14.20 -8.50
CA GLY A 43 -10.03 -13.10 -8.88
C GLY A 43 -10.68 -12.10 -9.81
N PHE A 44 -11.94 -12.35 -10.15
CA PHE A 44 -12.66 -11.49 -11.10
C PHE A 44 -13.20 -10.22 -10.47
N ILE A 45 -13.17 -9.16 -11.27
CA ILE A 45 -13.90 -7.93 -10.96
C ILE A 45 -14.89 -7.69 -12.08
N HIS A 46 -15.92 -6.88 -11.80
CA HIS A 46 -16.96 -6.65 -12.79
C HIS A 46 -16.63 -5.42 -13.63
N CYS A 47 -16.49 -5.63 -14.94
CA CYS A 47 -16.12 -4.56 -15.85
C CYS A 47 -17.16 -4.37 -16.92
N PRO A 48 -18.41 -4.08 -16.50
CA PRO A 48 -19.56 -4.10 -17.40
C PRO A 48 -19.49 -3.01 -18.47
N THR A 49 -19.90 -3.37 -19.68
CA THR A 49 -20.05 -2.39 -20.75
C THR A 49 -21.48 -2.50 -21.26
N GLU A 50 -21.96 -1.45 -21.91
CA GLU A 50 -23.26 -1.48 -22.55
C GLU A 50 -23.29 -2.75 -23.39
N ASN A 51 -22.19 -2.97 -24.12
CA ASN A 51 -22.08 -4.10 -25.04
C ASN A 51 -21.96 -5.44 -24.33
N GLU A 52 -21.15 -5.51 -23.29
CA GLU A 52 -20.98 -6.74 -22.52
C GLU A 52 -21.24 -6.48 -21.04
N PRO A 53 -22.51 -6.53 -20.63
CA PRO A 53 -22.91 -6.20 -19.26
C PRO A 53 -22.35 -7.17 -18.22
N ASP A 54 -22.13 -8.42 -18.61
CA ASP A 54 -21.65 -9.44 -17.67
C ASP A 54 -20.15 -9.70 -17.79
N LEU A 55 -19.43 -8.74 -18.36
CA LEU A 55 -18.00 -8.86 -18.60
C LEU A 55 -17.20 -8.81 -17.31
N ALA A 56 -16.48 -9.89 -17.00
CA ALA A 56 -15.61 -9.92 -15.83
C ALA A 56 -14.16 -10.06 -16.24
N GLN A 57 -13.28 -9.42 -15.49
CA GLN A 57 -11.85 -9.50 -15.77
C GLN A 57 -11.08 -9.91 -14.52
N CYS A 58 -10.09 -10.77 -14.69
CA CYS A 58 -9.20 -11.08 -13.58
C CYS A 58 -8.33 -9.87 -13.29
N PHE A 59 -8.13 -9.57 -12.01
CA PHE A 59 -7.38 -8.40 -11.62
C PHE A 59 -5.89 -8.69 -11.73
N PHE A 60 -5.53 -9.96 -11.59
CA PHE A 60 -4.13 -10.37 -11.61
C PHE A 60 -3.58 -10.56 -13.02
N CYS A 61 -4.22 -11.45 -13.78
CA CYS A 61 -3.73 -11.80 -15.12
C CYS A 61 -4.50 -11.06 -16.22
N PHE A 62 -5.52 -10.30 -15.84
CA PHE A 62 -6.25 -9.43 -16.76
C PHE A 62 -6.95 -10.15 -17.91
N TYR A 63 -7.22 -11.44 -17.73
CA TYR A 63 -8.01 -12.18 -18.70
C TYR A 63 -9.48 -11.84 -18.52
N GLU A 64 -10.22 -11.79 -19.63
CA GLU A 64 -11.60 -11.33 -19.61
C GLU A 64 -12.60 -12.39 -20.10
N LEU A 65 -13.62 -12.65 -19.29
CA LEU A 65 -14.66 -13.61 -19.66
C LEU A 65 -16.05 -12.97 -19.66
N GLU A 66 -16.88 -13.42 -20.60
CA GLU A 66 -18.26 -12.97 -20.70
C GLU A 66 -19.16 -14.17 -20.96
N GLY A 67 -20.45 -13.92 -21.19
CA GLY A 67 -21.40 -14.97 -21.46
C GLY A 67 -21.55 -15.95 -20.30
N TRP A 68 -21.59 -15.39 -19.09
CA TRP A 68 -21.69 -16.18 -17.87
C TRP A 68 -23.04 -16.87 -17.73
N GLU A 69 -23.03 -18.05 -17.11
CA GLU A 69 -24.25 -18.81 -16.88
C GLU A 69 -24.33 -19.25 -15.43
N PRO A 70 -25.55 -19.40 -14.90
CA PRO A 70 -25.83 -19.67 -13.48
C PRO A 70 -24.96 -20.76 -12.86
N ASP A 71 -24.69 -21.84 -13.60
CA ASP A 71 -23.97 -22.98 -13.05
C ASP A 71 -22.45 -22.90 -13.21
N ASP A 72 -21.99 -21.80 -13.80
CA ASP A 72 -20.55 -21.62 -14.03
C ASP A 72 -19.78 -21.49 -12.72
N ASP A 73 -18.74 -22.29 -12.57
CA ASP A 73 -17.80 -22.14 -11.47
C ASP A 73 -16.66 -21.21 -11.91
N PRO A 74 -16.65 -19.98 -11.39
CA PRO A 74 -15.68 -18.98 -11.84
C PRO A 74 -14.25 -19.52 -11.82
N ILE A 75 -13.91 -20.33 -10.81
CA ILE A 75 -12.58 -20.92 -10.72
C ILE A 75 -12.27 -21.87 -11.88
N GLU A 76 -13.15 -22.82 -12.12
CA GLU A 76 -12.95 -23.78 -13.20
C GLU A 76 -12.94 -23.09 -14.56
N GLU A 77 -13.76 -22.06 -14.71
CA GLU A 77 -13.76 -21.24 -15.90
C GLU A 77 -12.39 -20.60 -16.12
N HIS A 78 -11.87 -19.99 -15.07
CA HIS A 78 -10.56 -19.35 -15.13
C HIS A 78 -9.48 -20.37 -15.48
N LYS A 79 -9.38 -21.42 -14.67
CA LYS A 79 -8.38 -22.47 -14.89
C LYS A 79 -8.42 -23.04 -16.30
N LYS A 80 -9.61 -23.06 -16.88
CA LYS A 80 -9.81 -23.68 -18.19
C LYS A 80 -9.40 -22.77 -19.35
N TRP A 81 -9.79 -21.50 -19.29
CA TRP A 81 -9.52 -20.56 -20.37
C TRP A 81 -8.10 -19.94 -20.29
N SER A 82 -7.63 -19.69 -19.07
CA SER A 82 -6.27 -19.20 -18.86
C SER A 82 -5.67 -19.74 -17.56
N SER A 83 -5.05 -20.92 -17.65
CA SER A 83 -4.53 -21.60 -16.47
C SER A 83 -3.29 -20.93 -15.88
N GLY A 84 -2.49 -20.30 -16.73
CA GLY A 84 -1.20 -19.75 -16.32
C GLY A 84 -1.21 -18.70 -15.21
N CYS A 85 -2.39 -18.19 -14.89
CA CYS A 85 -2.51 -17.12 -13.89
C CYS A 85 -2.01 -17.52 -12.50
N ALA A 86 -1.07 -16.74 -11.98
CA ALA A 86 -0.39 -17.06 -10.72
C ALA A 86 -1.28 -16.91 -9.49
N PHE A 87 -2.29 -16.06 -9.58
CA PHE A 87 -3.24 -15.87 -8.48
C PHE A 87 -3.93 -17.18 -8.14
N LEU A 88 -4.25 -17.95 -9.17
CA LEU A 88 -4.89 -19.25 -8.98
C LEU A 88 -4.09 -20.11 -8.00
N SER A 89 -2.77 -19.99 -8.08
CA SER A 89 -1.89 -20.88 -7.35
C SER A 89 -1.69 -20.46 -5.89
N VAL A 90 -2.08 -19.24 -5.55
CA VAL A 90 -1.97 -18.80 -4.17
C VAL A 90 -3.17 -19.27 -3.34
N LYS A 91 -2.90 -20.21 -2.43
CA LYS A 91 -3.93 -20.77 -1.59
C LYS A 91 -3.98 -20.05 -0.24
N LYS A 92 -2.92 -19.28 0.05
CA LYS A 92 -2.83 -18.55 1.31
C LYS A 92 -3.90 -17.48 1.42
N GLN A 93 -4.30 -17.19 2.65
CA GLN A 93 -5.17 -16.05 2.87
C GLN A 93 -4.34 -14.78 2.74
N PHE A 94 -4.95 -13.74 2.18
CA PHE A 94 -4.23 -12.49 1.89
C PHE A 94 -3.32 -12.00 3.03
N GLU A 95 -3.83 -11.98 4.26
CA GLU A 95 -3.09 -11.40 5.36
C GLU A 95 -2.14 -12.42 5.99
N GLU A 96 -2.16 -13.66 5.49
CA GLU A 96 -1.18 -14.66 5.91
C GLU A 96 0.03 -14.61 4.98
N LEU A 97 -0.10 -13.77 3.96
CA LEU A 97 0.99 -13.50 3.03
C LEU A 97 2.10 -12.66 3.66
N THR A 98 3.33 -12.95 3.26
CA THR A 98 4.45 -12.12 3.65
C THR A 98 4.55 -10.97 2.66
N LEU A 99 5.15 -9.86 3.09
CA LEU A 99 5.30 -8.71 2.20
C LEU A 99 6.16 -9.04 0.98
N GLY A 100 7.14 -9.90 1.17
CA GLY A 100 7.97 -10.35 0.06
C GLY A 100 7.13 -11.08 -0.96
N GLU A 101 6.30 -12.00 -0.47
CA GLU A 101 5.39 -12.77 -1.33
C GLU A 101 4.42 -11.84 -2.02
N PHE A 102 3.94 -10.85 -1.29
CA PHE A 102 2.97 -9.92 -1.84
C PHE A 102 3.57 -9.07 -2.94
N LEU A 103 4.71 -8.45 -2.65
CA LEU A 103 5.40 -7.63 -3.63
C LEU A 103 5.83 -8.43 -4.85
N LYS A 104 6.18 -9.70 -4.62
CA LYS A 104 6.52 -10.61 -5.70
C LYS A 104 5.33 -10.71 -6.64
N LEU A 105 4.19 -11.12 -6.09
CA LEU A 105 2.95 -11.19 -6.83
C LEU A 105 2.67 -9.91 -7.60
N ASP A 106 2.73 -8.78 -6.89
CA ASP A 106 2.38 -7.51 -7.49
C ASP A 106 3.30 -7.17 -8.65
N ARG A 107 4.54 -7.64 -8.56
CA ARG A 107 5.48 -7.46 -9.66
C ARG A 107 4.96 -8.20 -10.88
N GLU A 108 4.55 -9.45 -10.67
CA GLU A 108 4.04 -10.26 -11.77
C GLU A 108 2.75 -9.67 -12.35
N ARG A 109 1.94 -9.03 -11.51
CA ARG A 109 0.73 -8.40 -12.00
C ARG A 109 1.09 -7.26 -12.93
N ALA A 110 2.03 -6.43 -12.48
CA ALA A 110 2.52 -5.32 -13.28
C ALA A 110 3.04 -5.83 -14.63
N LYS A 111 3.70 -6.98 -14.60
CA LYS A 111 4.14 -7.67 -15.81
C LYS A 111 2.95 -8.06 -16.65
N ASN A 112 2.05 -8.85 -16.07
CA ASN A 112 0.85 -9.27 -16.77
C ASN A 112 0.15 -8.10 -17.43
N LYS A 113 0.07 -6.99 -16.71
CA LYS A 113 -0.58 -5.79 -17.23
C LYS A 113 0.08 -5.32 -18.52
N ILE A 114 1.41 -5.24 -18.50
CA ILE A 114 2.18 -4.85 -19.68
C ILE A 114 1.90 -5.81 -20.85
N ALA A 115 1.99 -7.11 -20.57
CA ALA A 115 1.67 -8.13 -21.56
C ALA A 115 0.29 -7.87 -22.17
N LYS A 116 -0.68 -7.58 -21.31
CA LYS A 116 -2.04 -7.34 -21.75
C LYS A 116 -2.10 -6.17 -22.70
N GLU A 117 -1.43 -5.08 -22.35
CA GLU A 117 -1.47 -3.87 -23.15
C GLU A 117 -0.80 -4.07 -24.50
N THR A 118 0.31 -4.81 -24.50
CA THR A 118 1.01 -5.14 -25.72
C THR A 118 0.12 -5.93 -26.67
N ASN A 119 -0.51 -6.98 -26.15
CA ASN A 119 -1.42 -7.78 -26.97
C ASN A 119 -2.56 -6.95 -27.52
N ASN A 120 -2.97 -5.93 -26.77
CA ASN A 120 -4.04 -5.06 -27.22
C ASN A 120 -3.58 -4.18 -28.36
N LYS A 121 -2.45 -3.51 -28.16
CA LYS A 121 -1.84 -2.70 -29.21
C LYS A 121 -1.67 -3.54 -30.47
N LYS A 122 -1.25 -4.79 -30.29
CA LYS A 122 -1.05 -5.69 -31.42
C LYS A 122 -2.35 -5.98 -32.16
N LYS A 123 -3.44 -6.10 -31.42
CA LYS A 123 -4.72 -6.44 -32.04
C LYS A 123 -5.27 -5.28 -32.87
N GLU A 124 -5.21 -4.06 -32.33
CA GLU A 124 -5.68 -2.89 -33.07
C GLU A 124 -4.76 -2.57 -34.23
N PHE A 125 -3.49 -2.98 -34.12
CA PHE A 125 -2.58 -2.85 -35.25
C PHE A 125 -3.03 -3.74 -36.40
N GLU A 126 -3.27 -5.01 -36.10
CA GLU A 126 -3.75 -5.97 -37.08
C GLU A 126 -5.11 -5.54 -37.68
N GLU A 127 -5.90 -4.84 -36.88
CA GLU A 127 -7.22 -4.35 -37.32
C GLU A 127 -7.10 -3.23 -38.36
N THR A 128 -6.30 -2.20 -38.03
CA THR A 128 -6.13 -1.08 -38.96
C THR A 128 -5.45 -1.59 -40.22
N ALA A 129 -4.50 -2.51 -40.05
CA ALA A 129 -3.84 -3.15 -41.17
C ALA A 129 -4.88 -3.76 -42.12
N LYS A 130 -5.77 -4.58 -41.59
CA LYS A 130 -6.82 -5.19 -42.41
C LYS A 130 -7.59 -4.14 -43.20
N LYS A 131 -7.74 -2.96 -42.62
CA LYS A 131 -8.51 -1.91 -43.27
C LYS A 131 -7.75 -1.25 -44.43
N VAL A 132 -6.47 -1.00 -44.24
CA VAL A 132 -5.69 -0.41 -45.33
C VAL A 132 -5.60 -1.43 -46.46
N ARG A 133 -5.48 -2.69 -46.09
CA ARG A 133 -5.38 -3.78 -47.05
C ARG A 133 -6.60 -3.85 -47.96
N ARG A 134 -7.78 -3.95 -47.34
CA ARG A 134 -9.05 -4.01 -48.08
C ARG A 134 -9.24 -2.79 -48.97
N ALA A 135 -8.98 -1.60 -48.41
CA ALA A 135 -9.10 -0.37 -49.18
C ALA A 135 -8.21 -0.44 -50.43
N ILE A 136 -6.96 -0.86 -50.23
CA ILE A 136 -6.03 -1.02 -51.33
C ILE A 136 -6.54 -2.02 -52.36
N GLU A 137 -7.08 -3.14 -51.88
CA GLU A 137 -7.67 -4.11 -52.79
C GLU A 137 -8.79 -3.48 -53.60
N GLN A 138 -9.73 -2.84 -52.92
CA GLN A 138 -10.87 -2.22 -53.58
C GLN A 138 -10.44 -1.26 -54.68
N LEU A 139 -9.46 -0.41 -54.39
CA LEU A 139 -8.96 0.52 -55.41
C LEU A 139 -8.37 -0.22 -56.60
N ALA A 140 -7.68 -1.34 -56.32
CA ALA A 140 -7.06 -2.14 -57.35
C ALA A 140 -8.09 -2.65 -58.37
N ALA A 141 -9.23 -3.10 -57.88
CA ALA A 141 -10.29 -3.62 -58.73
C ALA A 141 -10.58 -2.71 -59.93
N THR B 6 5.49 -0.78 -6.49
CA THR B 6 6.48 0.28 -6.29
C THR B 6 6.47 0.82 -4.87
N LEU B 7 5.53 0.34 -4.06
CA LEU B 7 5.38 0.80 -2.68
C LEU B 7 4.77 2.19 -2.64
N PRO B 8 3.76 2.38 -1.79
CA PRO B 8 3.06 3.67 -1.64
C PRO B 8 3.88 4.60 -0.76
N PRO B 9 3.89 5.90 -1.08
CA PRO B 9 4.74 6.88 -0.40
C PRO B 9 4.41 7.03 1.08
N ALA B 10 3.12 6.99 1.42
CA ALA B 10 2.70 7.17 2.80
C ALA B 10 3.25 6.09 3.71
N TRP B 11 3.64 4.97 3.12
CA TRP B 11 4.09 3.81 3.89
C TRP B 11 5.60 3.56 3.79
N GLN B 12 6.32 4.51 3.21
CA GLN B 12 7.78 4.41 3.02
C GLN B 12 8.59 4.36 4.32
N PRO B 13 8.27 5.25 5.28
CA PRO B 13 8.99 5.29 6.56
C PRO B 13 9.26 3.90 7.16
N PHE B 14 8.43 2.93 6.81
CA PHE B 14 8.62 1.56 7.27
C PHE B 14 9.86 0.96 6.62
N LEU B 15 10.30 1.57 5.53
CA LEU B 15 11.49 1.13 4.80
C LEU B 15 12.74 1.83 5.31
N LYS B 16 13.68 1.05 5.82
CA LYS B 16 14.92 1.59 6.36
C LYS B 16 15.64 2.48 5.36
N ASP B 17 15.90 1.93 4.19
CA ASP B 17 16.56 2.67 3.12
C ASP B 17 15.95 4.05 2.92
N HIS B 18 14.63 4.14 3.11
CA HIS B 18 13.96 5.43 3.01
C HIS B 18 14.40 6.31 4.18
N ARG B 19 14.29 5.77 5.39
CA ARG B 19 14.68 6.48 6.59
C ARG B 19 16.13 6.96 6.49
N ILE B 20 17.01 6.05 6.11
CA ILE B 20 18.40 6.40 5.85
C ILE B 20 18.46 7.60 4.91
N SER B 21 17.70 7.53 3.82
CA SER B 21 17.72 8.56 2.80
C SER B 21 17.29 9.92 3.35
N THR B 22 16.47 9.92 4.40
CA THR B 22 15.98 11.18 4.96
C THR B 22 17.11 12.00 5.53
N PHE B 23 18.20 11.34 5.90
CA PHE B 23 19.34 11.99 6.50
C PHE B 23 20.21 12.68 5.45
N LYS B 24 20.05 13.99 5.35
CA LYS B 24 20.82 14.80 4.43
C LYS B 24 21.62 15.82 5.23
N ASN B 25 22.90 15.95 4.90
CA ASN B 25 23.78 16.80 5.68
C ASN B 25 23.59 16.47 7.16
N TRP B 26 23.74 15.20 7.48
CA TRP B 26 23.71 14.72 8.84
C TRP B 26 25.15 14.49 9.30
N PRO B 27 25.48 15.01 10.48
CA PRO B 27 26.83 14.88 11.06
C PRO B 27 27.08 13.43 11.44
N PHE B 28 27.84 13.17 12.50
CA PHE B 28 27.98 11.82 13.03
C PHE B 28 27.93 10.69 11.99
N LEU B 29 29.03 10.51 11.25
CA LEU B 29 29.14 9.42 10.30
C LEU B 29 30.17 8.41 10.77
N GLU B 30 30.84 7.77 9.81
CA GLU B 30 31.89 6.80 10.09
C GLU B 30 32.78 7.28 11.23
N GLY B 31 32.95 6.42 12.22
CA GLY B 31 33.67 6.77 13.42
C GLY B 31 32.70 7.07 14.55
N CYS B 32 31.46 7.36 14.17
CA CYS B 32 30.42 7.67 15.14
C CYS B 32 29.45 6.51 15.31
N ALA B 33 28.87 6.40 16.50
CA ALA B 33 27.99 5.30 16.83
C ALA B 33 26.58 5.51 16.27
N CYS B 34 26.17 6.77 16.15
CA CYS B 34 24.83 7.07 15.64
C CYS B 34 24.85 7.48 14.16
N THR B 35 25.22 6.53 13.31
CA THR B 35 25.22 6.77 11.86
C THR B 35 23.79 6.71 11.34
N PRO B 36 23.52 7.41 10.23
CA PRO B 36 22.18 7.42 9.62
C PRO B 36 21.67 5.99 9.40
N GLU B 37 22.58 5.05 9.25
CA GLU B 37 22.22 3.63 9.14
C GLU B 37 21.62 3.13 10.44
N ARG B 38 22.28 3.43 11.56
CA ARG B 38 21.82 2.97 12.87
C ARG B 38 20.77 3.92 13.46
N MET B 39 20.62 5.09 12.86
CA MET B 39 19.50 5.97 13.18
C MET B 39 18.21 5.39 12.61
N ALA B 40 18.23 5.11 11.31
CA ALA B 40 17.10 4.46 10.65
C ALA B 40 16.82 3.12 11.34
N GLU B 41 17.86 2.44 11.79
CA GLU B 41 17.71 1.19 12.52
C GLU B 41 16.85 1.36 13.78
N ALA B 42 16.90 2.54 14.37
CA ALA B 42 16.11 2.85 15.56
C ALA B 42 14.76 3.45 15.20
N GLY B 43 14.49 3.55 13.90
CA GLY B 43 13.23 4.08 13.41
C GLY B 43 13.25 5.57 13.20
N PHE B 44 14.42 6.19 13.30
CA PHE B 44 14.51 7.65 13.22
C PHE B 44 14.52 8.22 11.80
N ILE B 45 13.91 9.40 11.67
CA ILE B 45 13.87 10.16 10.44
C ILE B 45 14.58 11.49 10.67
N HIS B 46 15.14 12.06 9.61
CA HIS B 46 15.78 13.36 9.72
C HIS B 46 14.78 14.47 9.45
N CYS B 47 14.35 15.15 10.52
CA CYS B 47 13.40 16.25 10.42
C CYS B 47 14.04 17.53 10.92
N PRO B 48 15.09 18.00 10.24
CA PRO B 48 15.90 19.13 10.71
C PRO B 48 15.19 20.46 10.52
N THR B 49 15.20 21.29 11.55
CA THR B 49 14.72 22.66 11.43
C THR B 49 15.93 23.56 11.21
N GLU B 50 15.73 24.87 11.29
CA GLU B 50 16.85 25.79 11.25
C GLU B 50 17.42 25.96 12.65
N ASN B 51 16.54 26.00 13.64
CA ASN B 51 16.96 26.16 15.04
C ASN B 51 17.43 24.85 15.66
N GLU B 52 17.36 23.77 14.90
CA GLU B 52 17.94 22.49 15.30
C GLU B 52 18.06 21.50 14.15
N PRO B 53 19.06 21.70 13.27
CA PRO B 53 19.34 20.79 12.16
C PRO B 53 19.70 19.41 12.68
N ASP B 54 19.55 19.25 14.00
CA ASP B 54 19.94 18.05 14.72
C ASP B 54 18.74 17.13 14.90
N LEU B 55 17.56 17.66 14.63
CA LEU B 55 16.30 17.01 14.97
C LEU B 55 16.03 15.71 14.21
N ALA B 56 15.82 14.63 14.95
CA ALA B 56 15.43 13.35 14.39
C ALA B 56 14.16 12.86 15.08
N GLN B 57 13.25 12.27 14.31
CA GLN B 57 11.99 11.78 14.86
C GLN B 57 11.69 10.34 14.45
N CYS B 58 11.22 9.55 15.41
CA CYS B 58 10.81 8.17 15.13
C CYS B 58 9.54 8.16 14.27
N PHE B 59 9.58 7.40 13.19
CA PHE B 59 8.47 7.37 12.23
C PHE B 59 7.25 6.66 12.82
N PHE B 60 7.49 5.80 13.80
CA PHE B 60 6.44 4.98 14.37
C PHE B 60 5.74 5.61 15.59
N CYS B 61 6.53 5.96 16.61
CA CYS B 61 5.99 6.54 17.84
C CYS B 61 5.90 8.06 17.75
N PHE B 62 6.74 8.65 16.90
CA PHE B 62 6.77 10.10 16.69
C PHE B 62 7.45 10.85 17.83
N TYR B 63 8.27 10.14 18.60
CA TYR B 63 9.09 10.76 19.62
C TYR B 63 10.20 11.54 18.92
N GLU B 64 10.58 12.66 19.50
CA GLU B 64 11.62 13.51 18.93
C GLU B 64 12.83 13.67 19.84
N LEU B 65 14.02 13.54 19.26
CA LEU B 65 15.26 13.72 20.01
C LEU B 65 16.25 14.64 19.30
N GLU B 66 17.02 15.38 20.10
CA GLU B 66 17.96 16.38 19.60
C GLU B 66 19.22 16.29 20.43
N GLY B 67 20.19 17.16 20.16
CA GLY B 67 21.42 17.20 20.92
C GLY B 67 22.20 15.90 20.86
N TRP B 68 22.16 15.26 19.70
CA TRP B 68 22.78 13.94 19.52
C TRP B 68 24.28 13.94 19.83
N GLU B 69 24.71 12.93 20.57
CA GLU B 69 26.12 12.74 20.88
C GLU B 69 26.71 11.66 19.96
N PRO B 70 27.97 11.84 19.54
CA PRO B 70 28.64 10.92 18.63
C PRO B 70 28.63 9.49 19.13
N ASP B 71 28.73 9.32 20.45
CA ASP B 71 28.78 7.98 21.04
C ASP B 71 27.41 7.44 21.42
N ASP B 72 26.36 8.22 21.16
CA ASP B 72 24.99 7.81 21.45
C ASP B 72 24.58 6.61 20.61
N ASP B 73 23.97 5.61 21.27
CA ASP B 73 23.38 4.49 20.57
C ASP B 73 21.88 4.72 20.42
N PRO B 74 21.44 5.01 19.18
CA PRO B 74 20.05 5.36 18.85
C PRO B 74 19.02 4.43 19.49
N ILE B 75 19.28 3.12 19.45
CA ILE B 75 18.39 2.16 20.09
C ILE B 75 18.30 2.39 21.60
N GLU B 76 19.45 2.47 22.27
CA GLU B 76 19.48 2.69 23.71
C GLU B 76 18.82 4.01 24.10
N GLU B 77 19.10 5.06 23.33
CA GLU B 77 18.48 6.36 23.56
C GLU B 77 16.97 6.24 23.50
N HIS B 78 16.50 5.44 22.55
CA HIS B 78 15.07 5.26 22.32
C HIS B 78 14.41 4.45 23.43
N LYS B 79 15.02 3.32 23.78
CA LYS B 79 14.44 2.45 24.80
C LYS B 79 14.20 3.20 26.11
N LYS B 80 15.11 4.10 26.46
CA LYS B 80 15.00 4.79 27.75
C LYS B 80 13.93 5.90 27.77
N TRP B 81 13.84 6.64 26.68
CA TRP B 81 12.97 7.82 26.61
C TRP B 81 11.51 7.46 26.29
N SER B 82 11.28 6.80 25.16
CA SER B 82 9.99 6.19 24.82
C SER B 82 10.15 4.69 24.63
N SER B 83 9.90 3.93 25.69
CA SER B 83 10.03 2.48 25.65
C SER B 83 8.79 1.89 25.01
N GLY B 84 7.65 2.56 25.18
CA GLY B 84 6.37 2.04 24.74
C GLY B 84 6.24 1.80 23.26
N CYS B 85 7.21 2.32 22.49
CA CYS B 85 7.19 2.17 21.04
C CYS B 85 7.25 0.72 20.58
N ALA B 86 6.27 0.31 19.78
CA ALA B 86 6.15 -1.06 19.31
C ALA B 86 7.27 -1.42 18.34
N PHE B 87 7.68 -0.46 17.54
CA PHE B 87 8.70 -0.72 16.52
C PHE B 87 9.92 -1.38 17.14
N LEU B 88 10.32 -0.90 18.32
CA LEU B 88 11.47 -1.46 19.02
C LEU B 88 11.35 -2.97 19.17
N SER B 89 10.11 -3.44 19.31
CA SER B 89 9.84 -4.85 19.53
C SER B 89 9.89 -5.65 18.22
N VAL B 90 9.81 -4.93 17.10
CA VAL B 90 9.86 -5.57 15.79
C VAL B 90 11.26 -6.12 15.53
N LYS B 91 11.37 -7.43 15.44
CA LYS B 91 12.66 -8.08 15.24
C LYS B 91 12.77 -8.65 13.83
N LYS B 92 11.65 -8.68 13.10
CA LYS B 92 11.63 -9.25 11.75
C LYS B 92 12.00 -8.24 10.68
N GLN B 93 12.58 -8.74 9.59
CA GLN B 93 12.81 -7.91 8.42
C GLN B 93 11.47 -7.52 7.82
N PHE B 94 11.37 -6.29 7.35
CA PHE B 94 10.13 -5.77 6.80
C PHE B 94 9.48 -6.75 5.81
N GLU B 95 10.28 -7.27 4.90
CA GLU B 95 9.78 -8.16 3.87
C GLU B 95 9.34 -9.51 4.46
N GLU B 96 9.70 -9.75 5.72
CA GLU B 96 9.33 -11.00 6.38
C GLU B 96 8.11 -10.82 7.26
N LEU B 97 7.58 -9.60 7.26
CA LEU B 97 6.35 -9.32 7.99
C LEU B 97 5.14 -9.85 7.25
N THR B 98 4.20 -10.43 8.00
CA THR B 98 2.94 -10.87 7.42
C THR B 98 2.09 -9.64 7.16
N LEU B 99 1.22 -9.71 6.15
CA LEU B 99 0.36 -8.57 5.84
C LEU B 99 -0.46 -8.14 7.05
N GLY B 100 -0.98 -9.12 7.79
CA GLY B 100 -1.74 -8.83 8.98
C GLY B 100 -0.89 -8.11 10.02
N GLU B 101 0.28 -8.68 10.31
CA GLU B 101 1.22 -8.06 11.24
C GLU B 101 1.47 -6.62 10.85
N PHE B 102 1.83 -6.41 9.58
CA PHE B 102 2.08 -5.07 9.08
C PHE B 102 0.90 -4.12 9.26
N LEU B 103 -0.28 -4.55 8.83
CA LEU B 103 -1.48 -3.72 8.97
C LEU B 103 -1.78 -3.43 10.44
N LYS B 104 -1.44 -4.37 11.30
CA LYS B 104 -1.58 -4.16 12.74
C LYS B 104 -0.66 -3.03 13.19
N LEU B 105 0.60 -3.09 12.77
CA LEU B 105 1.56 -2.04 13.06
C LEU B 105 1.14 -0.68 12.51
N ASP B 106 0.75 -0.66 11.24
CA ASP B 106 0.40 0.59 10.59
C ASP B 106 -0.79 1.21 11.31
N ARG B 107 -1.65 0.33 11.83
CA ARG B 107 -2.80 0.75 12.61
C ARG B 107 -2.32 1.48 13.86
N GLU B 108 -1.41 0.85 14.60
CA GLU B 108 -0.88 1.42 15.83
C GLU B 108 -0.12 2.72 15.55
N ARG B 109 0.54 2.79 14.40
CA ARG B 109 1.24 4.02 14.04
C ARG B 109 0.24 5.18 13.91
N ALA B 110 -0.76 4.98 13.07
CA ALA B 110 -1.81 5.97 12.88
C ALA B 110 -2.33 6.44 14.24
N LYS B 111 -2.52 5.47 15.14
CA LYS B 111 -2.95 5.72 16.50
C LYS B 111 -1.99 6.68 17.21
N ASN B 112 -0.71 6.30 17.27
CA ASN B 112 0.31 7.12 17.91
C ASN B 112 0.37 8.54 17.34
N LYS B 113 0.15 8.67 16.03
CA LYS B 113 0.17 9.98 15.39
C LYS B 113 -0.97 10.83 15.93
N ILE B 114 -2.16 10.22 16.03
CA ILE B 114 -3.32 10.85 16.64
C ILE B 114 -2.98 11.36 18.03
N ALA B 115 -2.51 10.47 18.89
CA ALA B 115 -2.15 10.82 20.27
C ALA B 115 -1.20 12.01 20.32
N LYS B 116 -0.20 11.99 19.45
CA LYS B 116 0.77 13.08 19.39
C LYS B 116 0.08 14.40 19.13
N GLU B 117 -0.72 14.46 18.07
CA GLU B 117 -1.36 15.71 17.69
C GLU B 117 -2.39 16.19 18.72
N THR B 118 -3.07 15.26 19.39
CA THR B 118 -4.02 15.65 20.43
C THR B 118 -3.28 16.21 21.64
N ASN B 119 -2.07 15.72 21.85
CA ASN B 119 -1.23 16.23 22.92
C ASN B 119 -0.82 17.67 22.62
N ASN B 120 -0.50 17.94 21.36
CA ASN B 120 -0.11 19.29 20.97
C ASN B 120 -1.28 20.26 21.01
N LYS B 121 -2.42 19.80 20.51
CA LYS B 121 -3.65 20.58 20.63
C LYS B 121 -3.95 20.91 22.08
N LYS B 122 -3.64 19.98 22.97
CA LYS B 122 -3.83 20.19 24.40
C LYS B 122 -2.90 21.26 24.96
N LYS B 123 -1.62 21.15 24.64
CA LYS B 123 -0.65 22.12 25.13
C LYS B 123 -0.94 23.50 24.56
N GLU B 124 -1.27 23.54 23.27
CA GLU B 124 -1.66 24.80 22.64
C GLU B 124 -2.83 25.42 23.37
N PHE B 125 -3.87 24.63 23.59
CA PHE B 125 -5.05 25.11 24.32
C PHE B 125 -4.73 25.56 25.73
N GLU B 126 -3.92 24.77 26.43
CA GLU B 126 -3.50 25.12 27.78
C GLU B 126 -2.88 26.52 27.79
N GLU B 127 -1.94 26.75 26.87
CA GLU B 127 -1.28 28.05 26.76
C GLU B 127 -2.29 29.18 26.51
N THR B 128 -3.14 29.02 25.50
CA THR B 128 -4.12 30.06 25.18
C THR B 128 -4.98 30.34 26.40
N ALA B 129 -5.37 29.26 27.09
CA ALA B 129 -6.17 29.38 28.30
C ALA B 129 -5.46 30.26 29.34
N LYS B 130 -4.19 29.96 29.60
CA LYS B 130 -3.41 30.73 30.56
C LYS B 130 -3.33 32.20 30.19
N LYS B 131 -3.17 32.49 28.90
CA LYS B 131 -3.07 33.87 28.44
C LYS B 131 -4.38 34.61 28.70
N VAL B 132 -5.48 34.02 28.22
CA VAL B 132 -6.80 34.60 28.41
C VAL B 132 -7.11 34.81 29.89
N ARG B 133 -6.72 33.86 30.72
CA ARG B 133 -6.96 33.96 32.15
C ARG B 133 -6.22 35.15 32.76
N ARG B 134 -4.94 35.28 32.42
CA ARG B 134 -4.15 36.40 32.89
C ARG B 134 -4.81 37.72 32.50
N ALA B 135 -5.19 37.84 31.23
CA ALA B 135 -5.78 39.07 30.72
C ALA B 135 -6.97 39.54 31.54
N ILE B 136 -7.93 38.64 31.77
CA ILE B 136 -9.12 38.98 32.54
C ILE B 136 -8.77 39.29 34.00
N GLU B 137 -7.83 38.53 34.56
CA GLU B 137 -7.38 38.79 35.92
C GLU B 137 -6.82 40.20 36.04
N GLN B 138 -5.92 40.55 35.13
CA GLN B 138 -5.31 41.88 35.12
C GLN B 138 -6.38 42.96 35.09
N LEU B 139 -7.47 42.70 34.36
CA LEU B 139 -8.58 43.66 34.25
C LEU B 139 -9.25 43.89 35.60
N ALA B 140 -9.27 42.88 36.45
CA ALA B 140 -9.69 43.08 37.83
C ALA B 140 -8.67 43.99 38.53
N ALA B 141 -9.14 45.14 39.04
CA ALA B 141 -8.29 46.20 39.59
C ALA B 141 -8.30 47.42 38.68
N ALA C 1 -18.81 -19.53 -19.18
CA ALA C 1 -18.47 -18.26 -19.80
C ALA C 1 -17.56 -18.48 -20.99
N VAL C 2 -17.31 -17.39 -21.74
CA VAL C 2 -16.47 -17.45 -22.93
C VAL C 2 -15.65 -16.16 -23.09
N PRO C 3 -14.48 -16.26 -23.74
CA PRO C 3 -13.66 -15.07 -24.01
C PRO C 3 -14.41 -14.07 -24.88
N ILE C 4 -13.92 -12.84 -24.93
CA ILE C 4 -14.51 -11.80 -25.77
C ILE C 4 -13.69 -11.57 -27.03
N ALA D 1 21.11 12.26 23.75
CA ALA D 1 20.15 13.10 23.05
C ALA D 1 19.02 13.58 23.98
N VAL D 2 18.30 14.62 23.56
CA VAL D 2 17.30 15.28 24.39
C VAL D 2 16.09 15.80 23.60
N PRO D 3 14.90 15.81 24.23
CA PRO D 3 13.64 16.23 23.58
C PRO D 3 13.62 17.70 23.16
ZN ZN E . -6.08 -14.46 -13.53
ZN ZN F . 9.43 4.95 18.40
#